data_4RMM
#
_entry.id   4RMM
#
_cell.length_a   47.065
_cell.length_b   47.065
_cell.length_c   120.816
_cell.angle_alpha   90.000
_cell.angle_beta   90.000
_cell.angle_gamma   90.000
#
_symmetry.space_group_name_H-M   'P 43 2 2'
#
loop_
_entity.id
_entity.type
_entity.pdbx_description
1 polymer 'Putative uncharacterized protein'
2 water water
#
_entity_poly.entity_id   1
_entity_poly.type   'polypeptide(L)'
_entity_poly.pdbx_seq_one_letter_code
;(MSE)SEF(MSE)QRFADLRDRKAYAEIVDALPYVKL(MSE)GTS(MSE)AEDEQGELRFELPFLQRNVGNTTLPALHGG
LIGGF(MSE)ESAA(MSE)IHL(MSE)WNRESLEAPKIVDFSLDYLRPGRPQTLFAQCEITKQGKRVAHVLIEAWQDDRS
KPVAVARAHFLLTNLEHHHHHH
;
_entity_poly.pdbx_strand_id   A
#
# COMPACT_ATOMS: atom_id res chain seq x y z
N GLN A 6 14.17 -6.23 12.18
CA GLN A 6 15.41 -6.08 11.42
C GLN A 6 15.31 -6.81 10.08
N ARG A 7 14.68 -7.98 10.09
CA ARG A 7 14.53 -8.75 8.87
C ARG A 7 13.97 -7.91 7.72
N PHE A 8 13.22 -6.88 8.05
CA PHE A 8 12.63 -6.02 7.03
C PHE A 8 13.69 -5.38 6.16
N ALA A 9 14.59 -4.63 6.78
CA ALA A 9 15.68 -3.96 6.06
C ALA A 9 16.42 -5.01 5.25
N ASP A 10 16.47 -6.21 5.79
CA ASP A 10 17.14 -7.34 5.15
C ASP A 10 16.33 -7.85 3.96
N LEU A 11 15.02 -7.87 4.09
CA LEU A 11 14.15 -8.34 3.01
C LEU A 11 13.91 -7.28 1.95
N ARG A 12 14.09 -6.01 2.31
CA ARG A 12 13.91 -4.93 1.34
C ARG A 12 15.05 -5.03 0.34
N ASP A 13 16.28 -4.89 0.86
CA ASP A 13 17.48 -4.95 0.04
C ASP A 13 17.50 -6.21 -0.82
N ARG A 14 16.89 -7.27 -0.32
CA ARG A 14 16.84 -8.54 -1.03
C ARG A 14 15.63 -8.63 -1.98
N LYS A 15 14.80 -7.59 -1.98
CA LYS A 15 13.63 -7.54 -2.84
C LYS A 15 12.79 -8.82 -2.69
N ALA A 16 12.74 -9.36 -1.48
CA ALA A 16 11.98 -10.57 -1.20
C ALA A 16 10.49 -10.28 -1.02
N TYR A 17 9.85 -9.82 -2.08
CA TYR A 17 8.43 -9.48 -2.06
C TYR A 17 7.56 -10.61 -1.53
N ALA A 18 7.70 -11.78 -2.15
CA ALA A 18 6.92 -12.98 -1.80
C ALA A 18 6.80 -13.29 -0.30
N GLU A 19 7.92 -13.27 0.42
CA GLU A 19 7.88 -13.59 1.84
C GLU A 19 7.84 -12.41 2.78
N ILE A 20 8.23 -11.23 2.30
CA ILE A 20 8.21 -10.04 3.15
C ILE A 20 6.77 -9.83 3.63
N VAL A 21 5.82 -10.29 2.80
CA VAL A 21 4.41 -10.17 3.11
C VAL A 21 3.87 -11.48 3.65
N ASP A 22 4.64 -12.55 3.47
CA ASP A 22 4.26 -13.87 3.93
C ASP A 22 3.99 -13.74 5.43
N ALA A 23 4.85 -12.99 6.09
CA ALA A 23 4.70 -12.75 7.51
C ALA A 23 4.09 -11.35 7.89
N LEU A 24 3.02 -10.90 7.21
CA LEU A 24 2.21 -9.65 7.49
C LEU A 24 0.78 -10.11 7.10
N PRO A 25 -0.28 -9.73 7.85
CA PRO A 25 -1.66 -10.17 7.51
C PRO A 25 -2.42 -9.56 6.33
N TYR A 26 -1.71 -9.18 5.27
CA TYR A 26 -2.37 -8.62 4.10
C TYR A 26 -2.37 -9.66 2.99
N VAL A 27 -1.89 -10.85 3.32
CA VAL A 27 -1.87 -11.99 2.40
C VAL A 27 -2.93 -12.86 3.05
N LYS A 28 -3.10 -12.62 4.34
CA LYS A 28 -4.08 -13.31 5.16
C LYS A 28 -5.32 -12.41 5.06
N LEU A 29 -5.16 -11.31 4.31
CA LEU A 29 -6.25 -10.38 4.08
C LEU A 29 -6.71 -10.61 2.65
N GLY A 31 -4.85 -11.77 -1.64
CA GLY A 31 -3.80 -12.51 -2.33
C GLY A 31 -2.87 -11.49 -2.93
N THR A 32 -2.57 -10.47 -2.13
CA THR A 32 -1.73 -9.39 -2.60
C THR A 32 -0.42 -9.90 -3.15
N SER A 33 -0.05 -9.26 -4.24
CA SER A 33 1.17 -9.53 -4.93
C SER A 33 1.88 -8.20 -4.73
N ALA A 35 5.49 -5.74 -6.17
CA ALA A 35 6.71 -5.56 -6.93
C ALA A 35 6.93 -4.08 -7.24
N GLU A 36 7.89 -3.79 -8.12
CA GLU A 36 8.20 -2.42 -8.50
C GLU A 36 8.08 -2.15 -10.01
N ASP A 37 7.73 -0.91 -10.34
CA ASP A 37 7.56 -0.48 -11.71
C ASP A 37 8.78 0.34 -12.15
N GLU A 38 8.70 0.95 -13.33
CA GLU A 38 9.78 1.75 -13.88
C GLU A 38 9.92 3.16 -13.29
N GLN A 39 10.83 3.33 -12.34
CA GLN A 39 11.06 4.63 -11.72
C GLN A 39 9.90 5.03 -10.84
N GLY A 40 8.81 4.27 -10.92
CA GLY A 40 7.64 4.58 -10.12
C GLY A 40 7.66 3.92 -8.75
N GLU A 41 7.14 4.61 -7.75
CA GLU A 41 7.11 4.07 -6.41
C GLU A 41 6.56 2.64 -6.38
N LEU A 42 6.83 1.92 -5.29
CA LEU A 42 6.36 0.56 -5.14
C LEU A 42 4.93 0.41 -5.66
N ARG A 43 4.60 -0.78 -6.15
CA ARG A 43 3.27 -1.05 -6.67
C ARG A 43 2.74 -2.39 -6.14
N PHE A 44 1.43 -2.44 -5.87
CA PHE A 44 0.80 -3.64 -5.35
C PHE A 44 -0.24 -4.24 -6.31
N GLU A 45 -0.60 -5.50 -6.08
CA GLU A 45 -1.58 -6.20 -6.90
C GLU A 45 -2.45 -7.08 -6.03
N LEU A 46 -3.70 -7.26 -6.43
CA LEU A 46 -4.60 -8.04 -5.61
C LEU A 46 -5.50 -8.67 -6.61
N PRO A 47 -5.93 -9.95 -6.40
CA PRO A 47 -6.79 -10.45 -7.44
C PRO A 47 -8.20 -10.12 -7.09
N PHE A 48 -8.66 -8.97 -7.55
CA PHE A 48 -10.02 -8.53 -7.26
C PHE A 48 -11.03 -9.32 -8.07
N LEU A 49 -11.68 -10.29 -7.43
CA LEU A 49 -12.69 -11.11 -8.09
C LEU A 49 -13.80 -11.50 -7.12
N GLN A 50 -13.46 -12.34 -6.14
CA GLN A 50 -14.43 -12.78 -5.14
C GLN A 50 -13.78 -13.70 -4.14
N PRO A 59 -10.60 -16.83 -3.50
CA PRO A 59 -11.08 -16.58 -2.14
C PRO A 59 -11.64 -15.16 -2.04
N ALA A 60 -12.91 -15.14 -1.67
CA ALA A 60 -13.72 -13.95 -1.72
C ALA A 60 -13.84 -12.94 -0.62
N LEU A 61 -13.88 -11.68 -1.02
CA LEU A 61 -14.10 -10.60 -0.09
C LEU A 61 -15.32 -9.88 -0.61
N HIS A 62 -16.43 -10.12 0.05
CA HIS A 62 -17.65 -9.49 -0.36
C HIS A 62 -17.71 -8.10 0.19
N GLY A 63 -18.67 -7.35 -0.30
CA GLY A 63 -18.81 -5.97 0.11
C GLY A 63 -17.76 -5.17 -0.64
N GLY A 64 -16.83 -5.87 -1.27
CA GLY A 64 -15.77 -5.20 -2.00
C GLY A 64 -14.87 -4.35 -1.12
N LEU A 65 -14.92 -4.60 0.19
CA LEU A 65 -14.11 -3.84 1.14
C LEU A 65 -12.64 -4.05 0.88
N ILE A 66 -11.87 -2.96 0.93
CA ILE A 66 -10.43 -2.99 0.70
C ILE A 66 -9.67 -2.06 1.64
N GLY A 67 -10.36 -1.53 2.64
CA GLY A 67 -9.73 -0.62 3.57
C GLY A 67 -8.47 -1.16 4.19
N GLY A 68 -8.53 -2.42 4.62
CA GLY A 68 -7.35 -3.05 5.21
C GLY A 68 -6.18 -3.11 4.25
N PHE A 69 -6.45 -3.46 3.00
CA PHE A 69 -5.44 -3.57 1.95
C PHE A 69 -4.76 -2.22 1.70
N GLU A 71 -4.85 0.58 3.51
CA GLU A 71 -4.14 1.04 4.71
C GLU A 71 -2.76 0.38 4.88
N SER A 72 -2.66 -0.94 4.73
CA SER A 72 -1.37 -1.62 4.87
C SER A 72 -0.42 -1.27 3.71
N ALA A 73 -0.95 -1.12 2.50
CA ALA A 73 -0.13 -0.76 1.35
C ALA A 73 0.57 0.56 1.65
N ALA A 74 -0.21 1.53 2.13
CA ALA A 74 0.33 2.86 2.45
C ALA A 74 1.41 2.74 3.54
N ILE A 76 3.27 -0.07 4.26
CA ILE A 76 4.40 -0.76 3.63
C ILE A 76 5.19 0.17 2.71
N HIS A 77 4.48 0.98 1.93
CA HIS A 77 5.13 1.91 1.01
C HIS A 77 6.08 2.83 1.77
N LEU A 78 5.59 3.30 2.93
CA LEU A 78 6.36 4.20 3.78
C LEU A 78 7.63 3.59 4.31
N TRP A 80 9.12 1.07 3.13
CA TRP A 80 9.91 0.55 2.02
C TRP A 80 10.72 1.72 1.48
N ASN A 81 10.14 2.91 1.57
CA ASN A 81 10.79 4.13 1.11
C ASN A 81 11.52 4.85 2.24
N ARG A 82 11.56 4.27 3.43
CA ARG A 82 12.24 4.91 4.55
C ARG A 82 13.20 4.01 5.33
N GLU A 83 13.81 4.61 6.34
CA GLU A 83 14.74 3.90 7.21
C GLU A 83 13.94 2.93 8.07
N SER A 84 14.27 1.66 7.93
CA SER A 84 13.60 0.58 8.65
C SER A 84 13.95 0.56 10.14
N LEU A 85 13.77 1.70 10.80
CA LEU A 85 14.09 1.82 12.23
C LEU A 85 13.02 1.11 13.07
N GLU A 86 11.80 1.58 12.92
CA GLU A 86 10.65 1.02 13.61
C GLU A 86 9.49 1.37 12.69
N ALA A 87 8.39 0.66 12.85
CA ALA A 87 7.23 0.89 12.01
C ALA A 87 6.62 2.28 12.30
N PRO A 88 6.32 3.05 11.25
CA PRO A 88 5.74 4.39 11.48
C PRO A 88 4.36 4.25 12.12
N LYS A 89 3.90 5.30 12.77
CA LYS A 89 2.60 5.26 13.43
C LYS A 89 1.56 6.04 12.63
N ILE A 90 0.45 5.36 12.35
CA ILE A 90 -0.64 5.97 11.61
C ILE A 90 -1.47 6.86 12.50
N VAL A 91 -1.89 8.00 11.96
CA VAL A 91 -2.69 8.95 12.70
C VAL A 91 -4.13 8.85 12.22
N ASP A 92 -4.31 8.89 10.90
CA ASP A 92 -5.63 8.77 10.31
C ASP A 92 -5.58 8.17 8.92
N PHE A 93 -6.74 7.74 8.43
CA PHE A 93 -6.85 7.08 7.13
C PHE A 93 -8.25 7.28 6.57
N SER A 94 -8.34 7.77 5.33
CA SER A 94 -9.64 7.97 4.68
C SER A 94 -9.65 7.26 3.31
N LEU A 95 -10.81 6.77 2.93
CA LEU A 95 -11.00 6.02 1.70
C LEU A 95 -12.34 6.31 1.02
N ASP A 96 -12.31 6.53 -0.30
CA ASP A 96 -13.50 6.75 -1.11
C ASP A 96 -13.61 5.65 -2.15
N TYR A 97 -14.77 5.03 -2.24
CA TYR A 97 -15.01 3.97 -3.21
C TYR A 97 -15.70 4.74 -4.31
N LEU A 98 -15.03 4.79 -5.47
CA LEU A 98 -15.50 5.53 -6.63
C LEU A 98 -16.29 4.74 -7.65
N ARG A 99 -15.86 3.51 -7.92
CA ARG A 99 -16.52 2.70 -8.91
C ARG A 99 -16.48 1.24 -8.52
N PRO A 100 -17.43 0.45 -9.01
CA PRO A 100 -17.44 -0.97 -8.66
C PRO A 100 -16.14 -1.58 -9.18
N GLY A 101 -15.78 -2.75 -8.67
CA GLY A 101 -14.59 -3.40 -9.15
C GLY A 101 -14.94 -4.34 -10.28
N ARG A 102 -13.99 -4.58 -11.18
CA ARG A 102 -14.25 -5.47 -12.29
C ARG A 102 -13.49 -6.79 -12.03
N PRO A 103 -13.78 -7.84 -12.82
CA PRO A 103 -13.14 -9.15 -12.69
C PRO A 103 -11.72 -9.14 -13.23
N GLN A 104 -11.02 -8.06 -12.96
CA GLN A 104 -9.64 -7.86 -13.39
C GLN A 104 -8.80 -7.69 -12.12
N THR A 105 -7.49 -7.86 -12.24
CA THR A 105 -6.63 -7.69 -11.07
C THR A 105 -6.61 -6.20 -10.71
N LEU A 106 -6.61 -5.92 -9.42
CA LEU A 106 -6.60 -4.56 -8.90
C LEU A 106 -5.18 -4.08 -8.59
N PHE A 107 -4.79 -2.97 -9.21
CA PHE A 107 -3.47 -2.38 -9.01
C PHE A 107 -3.59 -1.27 -7.98
N ALA A 108 -2.49 -1.00 -7.28
CA ALA A 108 -2.47 0.06 -6.27
C ALA A 108 -1.07 0.60 -6.12
N GLN A 109 -0.97 1.91 -6.00
CA GLN A 109 0.31 2.56 -5.84
C GLN A 109 0.18 3.80 -4.98
N CYS A 110 1.15 3.98 -4.09
CA CYS A 110 1.12 5.12 -3.19
C CYS A 110 2.14 6.17 -3.53
N GLU A 111 1.87 7.37 -3.06
CA GLU A 111 2.78 8.47 -3.30
C GLU A 111 2.88 9.30 -2.03
N ILE A 112 4.08 9.71 -1.68
CA ILE A 112 4.24 10.53 -0.49
C ILE A 112 4.24 12.03 -0.85
N THR A 113 3.14 12.70 -0.48
CA THR A 113 2.89 14.12 -0.78
C THR A 113 3.66 15.23 -0.08
N LYS A 114 3.60 15.23 1.24
CA LYS A 114 4.32 16.19 2.04
C LYS A 114 5.07 15.24 2.94
N GLN A 115 6.31 15.59 3.27
CA GLN A 115 7.09 14.74 4.14
C GLN A 115 7.99 15.55 5.05
N GLY A 116 7.35 16.26 5.97
CA GLY A 116 8.07 17.06 6.95
C GLY A 116 9.01 16.18 7.74
N LYS A 117 9.53 16.72 8.83
CA LYS A 117 10.46 15.94 9.62
C LYS A 117 9.81 14.82 10.42
N ARG A 118 8.55 15.00 10.81
CA ARG A 118 7.92 14.02 11.68
C ARG A 118 6.65 13.41 11.16
N VAL A 119 6.14 13.98 10.07
CA VAL A 119 4.87 13.54 9.50
C VAL A 119 4.96 13.30 8.02
N ALA A 120 4.43 12.16 7.57
CA ALA A 120 4.42 11.83 6.16
C ALA A 120 2.96 11.67 5.75
N HIS A 121 2.62 12.22 4.58
CA HIS A 121 1.27 12.17 4.03
C HIS A 121 1.33 11.29 2.80
N VAL A 122 0.54 10.22 2.80
CA VAL A 122 0.50 9.25 1.72
C VAL A 122 -0.81 9.23 0.94
N LEU A 123 -0.72 9.08 -0.38
CA LEU A 123 -1.91 8.98 -1.25
C LEU A 123 -1.82 7.62 -1.93
N ILE A 124 -2.90 6.87 -1.87
CA ILE A 124 -2.99 5.55 -2.46
C ILE A 124 -4.11 5.56 -3.50
N GLU A 125 -3.81 5.06 -4.69
CA GLU A 125 -4.79 4.98 -5.75
C GLU A 125 -4.93 3.52 -6.14
N ALA A 126 -6.18 3.08 -6.27
CA ALA A 126 -6.42 1.71 -6.66
C ALA A 126 -7.20 1.77 -7.96
N TRP A 127 -6.69 1.11 -8.98
CA TRP A 127 -7.37 1.12 -10.27
C TRP A 127 -7.19 -0.23 -10.92
N GLN A 128 -7.76 -0.36 -12.11
CA GLN A 128 -7.66 -1.61 -12.83
C GLN A 128 -7.29 -1.33 -14.28
N ASP A 129 -8.26 -0.89 -15.05
CA ASP A 129 -8.02 -0.63 -16.46
C ASP A 129 -7.53 0.79 -16.70
N ASP A 130 -8.06 1.74 -15.94
CA ASP A 130 -7.67 3.13 -16.11
C ASP A 130 -7.45 3.87 -14.79
N ARG A 131 -6.19 4.23 -14.53
CA ARG A 131 -5.82 4.92 -13.31
C ARG A 131 -6.41 6.32 -13.28
N SER A 132 -7.06 6.69 -14.39
CA SER A 132 -7.72 7.98 -14.53
C SER A 132 -9.14 7.85 -13.97
N LYS A 133 -9.62 6.61 -13.92
CA LYS A 133 -10.95 6.29 -13.39
C LYS A 133 -10.72 5.21 -12.35
N PRO A 134 -10.06 5.58 -11.24
CA PRO A 134 -9.75 4.63 -10.16
C PRO A 134 -10.95 3.97 -9.49
N VAL A 135 -10.73 2.79 -8.92
CA VAL A 135 -11.78 2.08 -8.24
C VAL A 135 -11.97 2.74 -6.85
N ALA A 136 -10.86 3.19 -6.29
CA ALA A 136 -10.85 3.85 -4.99
C ALA A 136 -9.56 4.64 -4.78
N VAL A 137 -9.65 5.72 -4.02
CA VAL A 137 -8.46 6.52 -3.70
C VAL A 137 -8.44 6.69 -2.17
N ALA A 138 -7.27 6.51 -1.58
CA ALA A 138 -7.16 6.67 -0.13
C ALA A 138 -6.09 7.67 0.21
N ARG A 139 -6.07 8.07 1.48
CA ARG A 139 -5.09 9.00 2.01
C ARG A 139 -4.82 8.66 3.48
N ALA A 140 -3.55 8.71 3.87
CA ALA A 140 -3.14 8.39 5.22
C ALA A 140 -2.02 9.30 5.72
N HIS A 141 -2.04 9.58 7.03
CA HIS A 141 -1.02 10.42 7.67
C HIS A 141 -0.30 9.55 8.68
N PHE A 142 1.02 9.63 8.67
CA PHE A 142 1.81 8.86 9.60
C PHE A 142 2.75 9.75 10.38
N LEU A 143 3.06 9.33 11.60
CA LEU A 143 3.97 10.06 12.44
C LEU A 143 5.26 9.27 12.43
N LEU A 144 6.36 9.93 12.12
CA LEU A 144 7.64 9.23 12.06
C LEU A 144 8.63 9.66 13.11
N THR A 145 9.62 8.81 13.32
CA THR A 145 10.68 9.10 14.28
C THR A 145 11.93 9.09 13.45
N ASN A 146 11.97 9.97 12.45
CA ASN A 146 13.15 10.01 11.63
C ASN A 146 14.31 10.48 12.51
N LEU A 147 15.34 9.64 12.53
CA LEU A 147 16.55 9.92 13.30
C LEU A 147 17.40 10.80 12.39
N GLU A 148 16.80 11.83 11.81
CA GLU A 148 17.56 12.69 10.93
C GLU A 148 17.48 14.16 11.35
#